data_9NNO
#
_entry.id   9NNO
#
_cell.length_a   58.294
_cell.length_b   63.511
_cell.length_c   123.595
_cell.angle_alpha   90.00
_cell.angle_beta   90.00
_cell.angle_gamma   90.00
#
_symmetry.space_group_name_H-M   'P 21 21 21'
#
loop_
_entity.id
_entity.type
_entity.pdbx_description
1 polymer 'Cholesterol 24-hydroxylase'
2 non-polymer 'PROTOPORPHYRIN IX CONTAINING FE'
3 non-polymer N-[6-(1,3-oxazol-5-yl)-4-(trifluoromethyl)pyridin-2-yl]cyclopropanecarboxamide
4 non-polymer 1,2-ETHANEDIOL
5 water water
#
_entity_poly.entity_id   1
_entity_poly.type   'polypeptide(L)'
_entity_poly.pdbx_seq_one_letter_code
;MHHHHHHSRYEHIPGPPRPSFLLGHLPCFWKKDEVGGRVLQDVFLDWAKKYGPVVRVNVFHKTSVIVTSPESVKKFLMST
KYNKDSKMYRALQTVFGERLFGQGLVSECNYERWHKQRRVIDLAFSRSSLVSLMETFNEKAEQLVEILEAKADGQTPVSM
QDMLTYTAMDILAKAAFGMETSMLLGAQKPLSQAVKLMLEGITASRNTLAKFLPGKRKQLREVRESIRFLRQVGRDWVQR
RREALKRGEEVPADILTQILKAEEGAQDDEGLLDNFVTFFIAGHETSANHLAFTVMELSRQPEIVARLQAEVDEVIGSKR
YLDFEDLGRLQYLSQVLKESLRLYPPAWGTFRLLEEETLIDGVRVPGNTPLLFSTYVMGRMDTYFEDPLTFNPDRFGPGA
PKPRFTYFPFSLGHRSCIGQQFAQMEVKVVMAKLLQRLEFRLVPGQRFGLQEQATLKPLDPVLCTLRPRGWQPA
;
_entity_poly.pdbx_strand_id   A
#
loop_
_chem_comp.id
_chem_comp.type
_chem_comp.name
_chem_comp.formula
A1BY9 non-polymer N-[6-(1,3-oxazol-5-yl)-4-(trifluoromethyl)pyridin-2-yl]cyclopropanecarboxamide 'C13 H10 F3 N3 O2'
EDO non-polymer 1,2-ETHANEDIOL 'C2 H6 O2'
HEM non-polymer 'PROTOPORPHYRIN IX CONTAINING FE' 'C34 H32 Fe N4 O4'
#
# COMPACT_ATOMS: atom_id res chain seq x y z
N SER A 8 -23.32 -20.65 15.44
CA SER A 8 -23.96 -20.50 16.76
C SER A 8 -22.94 -19.99 17.79
N ARG A 9 -21.67 -20.35 17.63
CA ARG A 9 -20.65 -20.05 18.64
C ARG A 9 -20.41 -18.54 18.73
N TYR A 10 -20.83 -17.80 17.68
CA TYR A 10 -20.57 -16.37 17.58
C TYR A 10 -21.87 -15.55 17.68
N GLU A 11 -23.02 -16.21 17.83
CA GLU A 11 -24.30 -15.53 17.68
C GLU A 11 -24.56 -14.52 18.79
N HIS A 12 -23.92 -14.69 19.95
CA HIS A 12 -24.07 -13.79 21.07
C HIS A 12 -23.35 -12.46 20.83
N ILE A 13 -22.40 -12.44 19.89
CA ILE A 13 -21.61 -11.23 19.61
C ILE A 13 -22.48 -10.25 18.84
N PRO A 14 -22.46 -8.93 19.19
CA PRO A 14 -23.24 -7.93 18.47
C PRO A 14 -22.93 -7.93 16.97
N GLY A 15 -23.97 -7.72 16.15
CA GLY A 15 -23.77 -7.68 14.71
C GLY A 15 -25.09 -7.71 13.94
N PRO A 16 -25.02 -7.66 12.58
CA PRO A 16 -26.22 -7.68 11.74
C PRO A 16 -26.90 -9.04 11.73
N PRO A 17 -28.25 -9.10 11.73
CA PRO A 17 -28.99 -10.36 11.72
C PRO A 17 -29.12 -10.99 10.32
N GLY A 37 -19.52 3.70 -5.57
CA GLY A 37 -18.15 3.51 -5.08
C GLY A 37 -18.12 3.22 -3.58
N ARG A 38 -19.05 2.36 -3.13
CA ARG A 38 -19.19 1.97 -1.74
C ARG A 38 -18.70 0.53 -1.58
N VAL A 39 -17.82 0.30 -0.59
CA VAL A 39 -17.05 -0.93 -0.49
C VAL A 39 -17.39 -1.67 0.81
N LEU A 40 -16.84 -2.88 0.94
CA LEU A 40 -17.05 -3.72 2.11
C LEU A 40 -16.64 -2.99 3.39
N GLN A 41 -15.52 -2.26 3.33
CA GLN A 41 -15.04 -1.51 4.49
C GLN A 41 -16.11 -0.51 4.96
N ASP A 42 -16.94 -0.01 4.03
CA ASP A 42 -17.99 0.95 4.39
C ASP A 42 -19.12 0.26 5.13
N VAL A 43 -19.42 -0.99 4.73
CA VAL A 43 -20.41 -1.78 5.43
C VAL A 43 -19.92 -2.02 6.86
N PHE A 44 -18.61 -2.34 6.99
CA PHE A 44 -18.00 -2.56 8.29
C PHE A 44 -18.10 -1.30 9.16
N LEU A 45 -17.89 -0.13 8.54
CA LEU A 45 -17.93 1.13 9.26
C LEU A 45 -19.32 1.34 9.85
N ASP A 46 -20.35 1.09 9.04
CA ASP A 46 -21.74 1.24 9.45
C ASP A 46 -22.03 0.33 10.64
N TRP A 47 -21.50 -0.89 10.57
CA TRP A 47 -21.78 -1.89 11.60
C TRP A 47 -21.03 -1.57 12.89
N ALA A 48 -19.79 -1.09 12.78
CA ALA A 48 -19.02 -0.66 13.95
C ALA A 48 -19.75 0.48 14.66
N LYS A 49 -20.30 1.41 13.87
CA LYS A 49 -21.03 2.55 14.42
C LYS A 49 -22.32 2.07 15.10
N LYS A 50 -22.99 1.09 14.49
CA LYS A 50 -24.30 0.65 14.93
C LYS A 50 -24.18 -0.33 16.10
N TYR A 51 -23.13 -1.17 16.10
CA TYR A 51 -23.09 -2.33 16.98
C TYR A 51 -21.94 -2.27 17.98
N GLY A 52 -21.00 -1.35 17.78
CA GLY A 52 -20.00 -1.05 18.80
C GLY A 52 -18.62 -1.62 18.47
N PRO A 53 -17.71 -1.69 19.49
CA PRO A 53 -16.30 -2.00 19.25
C PRO A 53 -15.92 -3.44 18.94
N VAL A 54 -16.89 -4.37 19.02
CA VAL A 54 -16.67 -5.78 18.78
C VAL A 54 -17.87 -6.34 18.01
N VAL A 55 -17.70 -6.59 16.70
CA VAL A 55 -18.81 -6.94 15.84
C VAL A 55 -18.47 -8.19 15.03
N ARG A 56 -19.42 -9.14 14.95
CA ARG A 56 -19.27 -10.33 14.14
C ARG A 56 -19.62 -10.00 12.70
N VAL A 57 -18.75 -10.42 11.76
CA VAL A 57 -18.92 -10.15 10.34
C VAL A 57 -18.54 -11.39 9.53
N ASN A 58 -18.57 -11.23 8.20
CA ASN A 58 -18.15 -12.27 7.27
C ASN A 58 -17.13 -11.70 6.29
N VAL A 59 -15.89 -12.17 6.40
CA VAL A 59 -14.82 -11.80 5.49
C VAL A 59 -14.18 -13.09 4.95
N PHE A 60 -13.95 -13.11 3.63
CA PHE A 60 -13.30 -14.21 2.94
C PHE A 60 -13.83 -15.57 3.40
N HIS A 61 -15.17 -15.67 3.52
CA HIS A 61 -15.89 -16.93 3.68
C HIS A 61 -16.04 -17.31 5.16
N LYS A 62 -15.16 -16.79 6.02
CA LYS A 62 -15.15 -17.18 7.43
C LYS A 62 -15.82 -16.11 8.27
N THR A 63 -16.29 -16.51 9.46
CA THR A 63 -16.74 -15.55 10.46
C THR A 63 -15.51 -14.93 11.10
N SER A 64 -15.49 -13.60 11.16
CA SER A 64 -14.46 -12.89 11.90
C SER A 64 -15.10 -11.85 12.80
N VAL A 65 -14.28 -11.24 13.66
CA VAL A 65 -14.78 -10.26 14.61
C VAL A 65 -13.99 -8.97 14.40
N ILE A 66 -14.70 -7.89 14.05
CA ILE A 66 -14.06 -6.62 13.82
C ILE A 66 -13.93 -5.88 15.15
N VAL A 67 -12.69 -5.54 15.48
CA VAL A 67 -12.32 -4.93 16.75
CA VAL A 67 -12.37 -4.92 16.76
C VAL A 67 -11.86 -3.50 16.49
N THR A 68 -12.56 -2.51 17.06
CA THR A 68 -12.29 -1.14 16.69
C THR A 68 -12.05 -0.22 17.89
N SER A 69 -11.76 -0.77 19.07
CA SER A 69 -11.34 0.11 20.15
C SER A 69 -9.83 0.28 20.11
N PRO A 70 -9.27 1.47 20.44
CA PRO A 70 -7.83 1.64 20.50
C PRO A 70 -7.15 0.73 21.52
N GLU A 71 -7.87 0.40 22.61
CA GLU A 71 -7.37 -0.53 23.61
C GLU A 71 -7.07 -1.88 22.97
N SER A 72 -7.97 -2.35 22.09
CA SER A 72 -7.80 -3.62 21.40
C SER A 72 -6.69 -3.54 20.36
N VAL A 73 -6.63 -2.42 19.63
CA VAL A 73 -5.58 -2.23 18.64
C VAL A 73 -4.23 -2.39 19.32
N LYS A 74 -4.07 -1.72 20.47
CA LYS A 74 -2.82 -1.76 21.21
C LYS A 74 -2.53 -3.18 21.69
N LYS A 75 -3.53 -3.84 22.30
CA LYS A 75 -3.32 -5.14 22.91
C LYS A 75 -2.86 -6.16 21.88
N PHE A 76 -3.52 -6.19 20.71
CA PHE A 76 -3.33 -7.30 19.78
C PHE A 76 -2.24 -7.02 18.76
N LEU A 77 -2.06 -5.77 18.36
CA LEU A 77 -1.08 -5.48 17.32
C LEU A 77 0.32 -5.26 17.92
N MET A 78 0.39 -4.83 19.18
CA MET A 78 1.68 -4.49 19.78
C MET A 78 2.26 -5.64 20.60
N SER A 79 1.83 -6.89 20.33
CA SER A 79 2.36 -8.04 21.04
C SER A 79 2.80 -9.11 20.05
N THR A 80 3.96 -9.74 20.31
CA THR A 80 4.41 -10.88 19.51
C THR A 80 3.65 -12.14 19.90
N LYS A 81 2.80 -12.06 20.93
CA LYS A 81 1.96 -13.17 21.35
C LYS A 81 0.87 -13.43 20.30
N TYR A 82 0.41 -12.35 19.64
CA TYR A 82 -0.66 -12.47 18.67
C TYR A 82 -0.06 -12.52 17.27
N ASN A 83 -0.40 -13.59 16.54
CA ASN A 83 0.13 -13.81 15.21
C ASN A 83 -0.99 -13.65 14.17
N LYS A 84 -0.61 -13.51 12.90
CA LYS A 84 -1.59 -13.42 11.83
C LYS A 84 -2.35 -14.73 11.73
N ASP A 85 -3.60 -14.65 11.27
CA ASP A 85 -4.48 -15.79 11.11
C ASP A 85 -4.30 -16.39 9.72
N SER A 86 -3.76 -17.61 9.66
CA SER A 86 -3.42 -18.23 8.38
C SER A 86 -4.65 -18.44 7.50
N LYS A 87 -5.81 -18.67 8.11
CA LYS A 87 -7.02 -18.92 7.34
C LYS A 87 -7.43 -17.68 6.55
N MET A 88 -7.08 -16.50 7.06
CA MET A 88 -7.45 -15.26 6.41
C MET A 88 -6.42 -14.88 5.35
N TYR A 89 -5.23 -15.49 5.39
CA TYR A 89 -4.16 -15.16 4.46
C TYR A 89 -4.07 -16.20 3.34
N ARG A 90 -4.92 -17.23 3.42
CA ARG A 90 -4.95 -18.32 2.46
C ARG A 90 -5.23 -17.76 1.06
N ALA A 91 -6.02 -16.67 1.01
CA ALA A 91 -6.42 -16.07 -0.25
C ALA A 91 -5.25 -15.39 -0.95
N LEU A 92 -4.22 -14.99 -0.18
CA LEU A 92 -3.00 -14.43 -0.74
C LEU A 92 -2.02 -15.54 -1.11
N GLN A 93 -2.05 -16.65 -0.36
CA GLN A 93 -1.05 -17.71 -0.51
C GLN A 93 -1.22 -18.41 -1.86
N THR A 94 -2.47 -18.75 -2.19
CA THR A 94 -2.82 -19.50 -3.39
C THR A 94 -4.13 -18.96 -3.94
N VAL A 95 -4.22 -18.84 -5.26
CA VAL A 95 -5.46 -18.42 -5.91
C VAL A 95 -5.79 -19.41 -7.03
N PHE A 96 -6.99 -20.01 -6.93
CA PHE A 96 -7.50 -21.00 -7.88
C PHE A 96 -6.46 -22.07 -8.17
N GLY A 97 -5.77 -22.54 -7.13
CA GLY A 97 -4.81 -23.63 -7.24
C GLY A 97 -3.43 -23.20 -7.72
N GLU A 98 -3.23 -21.88 -7.89
CA GLU A 98 -1.95 -21.34 -8.30
C GLU A 98 -1.29 -20.59 -7.15
N ARG A 99 -0.10 -21.04 -6.77
CA ARG A 99 0.70 -20.40 -5.73
C ARG A 99 1.00 -18.96 -6.14
N LEU A 100 0.72 -18.02 -5.22
CA LEU A 100 0.86 -16.60 -5.50
C LEU A 100 1.90 -15.98 -4.56
N PHE A 101 1.45 -15.54 -3.37
CA PHE A 101 2.36 -14.94 -2.40
CA PHE A 101 2.35 -14.94 -2.38
C PHE A 101 2.98 -16.04 -1.53
N GLY A 102 2.39 -17.24 -1.58
CA GLY A 102 2.87 -18.39 -0.82
C GLY A 102 3.21 -18.05 0.61
N GLN A 103 4.45 -18.35 1.02
CA GLN A 103 4.90 -18.12 2.38
C GLN A 103 5.89 -16.95 2.41
N GLY A 104 5.66 -15.96 1.54
CA GLY A 104 6.41 -14.71 1.54
C GLY A 104 6.13 -13.87 2.78
N LEU A 105 6.73 -12.68 2.84
CA LEU A 105 6.82 -11.93 4.08
C LEU A 105 5.44 -11.47 4.58
N VAL A 106 4.51 -11.17 3.66
CA VAL A 106 3.19 -10.69 4.03
C VAL A 106 2.35 -11.86 4.55
N SER A 107 2.46 -13.02 3.89
CA SER A 107 1.45 -14.05 4.07
C SER A 107 1.92 -15.21 4.93
N GLU A 108 3.21 -15.22 5.33
CA GLU A 108 3.71 -16.21 6.28
C GLU A 108 3.15 -15.90 7.67
N CYS A 109 2.54 -16.92 8.29
CA CYS A 109 1.85 -16.73 9.56
C CYS A 109 2.56 -17.44 10.72
N ASN A 110 3.56 -18.27 10.41
CA ASN A 110 4.40 -18.87 11.44
C ASN A 110 5.45 -17.87 11.88
N TYR A 111 5.50 -17.59 13.19
CA TYR A 111 6.30 -16.53 13.76
C TYR A 111 7.79 -16.72 13.43
N GLU A 112 8.30 -17.94 13.68
CA GLU A 112 9.72 -18.22 13.54
C GLU A 112 10.15 -18.13 12.09
N ARG A 113 9.29 -18.62 11.18
CA ARG A 113 9.55 -18.57 9.75
C ARG A 113 9.54 -17.12 9.27
N TRP A 114 8.55 -16.35 9.75
CA TRP A 114 8.46 -14.92 9.42
C TRP A 114 9.68 -14.16 9.93
N HIS A 115 10.10 -14.46 11.17
CA HIS A 115 11.09 -13.66 11.87
C HIS A 115 12.44 -13.79 11.19
N LYS A 116 12.75 -14.99 10.71
CA LYS A 116 13.99 -15.32 10.03
C LYS A 116 14.12 -14.46 8.77
N GLN A 117 13.06 -14.45 7.96
CA GLN A 117 13.10 -13.75 6.68
C GLN A 117 13.02 -12.25 6.90
N ARG A 118 12.27 -11.81 7.90
CA ARG A 118 12.11 -10.38 8.18
C ARG A 118 13.46 -9.75 8.49
N ARG A 119 14.22 -10.39 9.39
CA ARG A 119 15.48 -9.85 9.87
C ARG A 119 16.52 -9.76 8.75
N VAL A 120 16.49 -10.74 7.83
CA VAL A 120 17.39 -10.74 6.68
C VAL A 120 17.02 -9.63 5.71
N ILE A 121 15.72 -9.52 5.38
CA ILE A 121 15.27 -8.57 4.37
C ILE A 121 15.36 -7.14 4.91
N ASP A 122 15.26 -6.98 6.24
CA ASP A 122 15.37 -5.69 6.91
C ASP A 122 16.61 -4.90 6.46
N LEU A 123 17.68 -5.62 6.10
CA LEU A 123 18.95 -5.00 5.74
C LEU A 123 18.81 -4.11 4.51
N ALA A 124 17.86 -4.44 3.63
CA ALA A 124 17.67 -3.71 2.37
C ALA A 124 16.92 -2.40 2.63
N PHE A 125 16.39 -2.25 3.85
CA PHE A 125 15.60 -1.08 4.21
C PHE A 125 16.30 -0.27 5.29
N SER A 126 17.62 -0.47 5.43
CA SER A 126 18.44 0.34 6.33
C SER A 126 18.43 1.79 5.84
N ARG A 127 18.74 2.71 6.76
CA ARG A 127 18.88 4.13 6.46
C ARG A 127 19.76 4.33 5.23
N SER A 128 20.96 3.73 5.22
CA SER A 128 21.90 3.93 4.12
C SER A 128 21.38 3.34 2.81
N SER A 129 20.67 2.21 2.88
CA SER A 129 20.08 1.60 1.71
C SER A 129 19.07 2.53 1.06
N LEU A 130 18.19 3.12 1.89
CA LEU A 130 17.09 3.91 1.38
C LEU A 130 17.60 5.26 0.86
N VAL A 131 18.61 5.82 1.52
CA VAL A 131 19.20 7.07 1.07
C VAL A 131 19.76 6.90 -0.34
N SER A 132 20.35 5.72 -0.61
CA SER A 132 20.96 5.46 -1.91
C SER A 132 19.91 5.37 -3.02
N LEU A 133 18.62 5.28 -2.66
CA LEU A 133 17.56 5.10 -3.63
C LEU A 133 17.02 6.44 -4.14
N MET A 134 17.50 7.53 -3.55
CA MET A 134 17.00 8.87 -3.88
C MET A 134 17.18 9.16 -5.37
N GLU A 135 18.29 8.70 -5.95
CA GLU A 135 18.53 8.91 -7.38
C GLU A 135 17.44 8.27 -8.21
N THR A 136 17.06 7.02 -7.86
CA THR A 136 16.03 6.28 -8.58
C THR A 136 14.68 7.00 -8.44
N PHE A 137 14.34 7.40 -7.22
CA PHE A 137 13.09 8.10 -6.95
C PHE A 137 13.03 9.37 -7.81
N ASN A 138 14.10 10.15 -7.79
CA ASN A 138 14.19 11.40 -8.53
C ASN A 138 14.06 11.18 -10.04
N GLU A 139 14.76 10.15 -10.57
CA GLU A 139 14.79 9.96 -12.01
C GLU A 139 13.42 9.56 -12.55
N LYS A 140 12.72 8.67 -11.82
CA LYS A 140 11.43 8.20 -12.28
C LYS A 140 10.37 9.31 -12.13
N ALA A 141 10.49 10.10 -11.06
CA ALA A 141 9.58 11.21 -10.81
C ALA A 141 9.77 12.27 -11.91
N GLU A 142 11.04 12.50 -12.27
CA GLU A 142 11.35 13.49 -13.30
C GLU A 142 10.79 13.03 -14.65
N GLN A 143 10.92 11.74 -14.92
CA GLN A 143 10.42 11.18 -16.17
C GLN A 143 8.90 11.37 -16.24
N LEU A 144 8.20 11.03 -15.15
CA LEU A 144 6.75 11.22 -15.07
C LEU A 144 6.38 12.67 -15.37
N VAL A 145 7.03 13.62 -14.67
CA VAL A 145 6.70 15.02 -14.81
C VAL A 145 6.91 15.50 -16.25
N GLU A 146 8.00 15.04 -16.89
CA GLU A 146 8.27 15.47 -18.26
C GLU A 146 7.18 14.95 -19.22
N ILE A 147 6.68 13.74 -18.95
CA ILE A 147 5.65 13.14 -19.80
C ILE A 147 4.34 13.91 -19.63
N LEU A 148 4.01 14.27 -18.39
CA LEU A 148 2.79 15.01 -18.08
C LEU A 148 2.86 16.44 -18.62
N GLU A 149 4.04 17.07 -18.53
CA GLU A 149 4.22 18.44 -18.99
C GLU A 149 3.87 18.57 -20.46
N ALA A 150 4.24 17.56 -21.26
CA ALA A 150 4.00 17.59 -22.69
C ALA A 150 2.51 17.48 -23.01
N LYS A 151 1.71 17.02 -22.03
CA LYS A 151 0.27 16.86 -22.18
C LYS A 151 -0.51 17.97 -21.50
N ALA A 152 0.19 18.99 -20.97
CA ALA A 152 -0.44 19.94 -20.08
C ALA A 152 -1.07 21.09 -20.87
N ASP A 153 -2.09 20.77 -21.68
CA ASP A 153 -2.72 21.71 -22.58
C ASP A 153 -4.10 22.12 -22.07
N GLY A 154 -4.44 21.68 -20.85
CA GLY A 154 -5.69 21.99 -20.18
C GLY A 154 -6.91 21.34 -20.86
N GLN A 155 -6.67 20.29 -21.66
CA GLN A 155 -7.71 19.74 -22.52
C GLN A 155 -7.59 18.22 -22.60
N THR A 156 -6.36 17.73 -22.79
CA THR A 156 -6.10 16.31 -22.93
C THR A 156 -6.36 15.61 -21.60
N PRO A 157 -7.29 14.63 -21.54
CA PRO A 157 -7.53 13.87 -20.31
C PRO A 157 -6.41 12.86 -20.07
N VAL A 158 -5.91 12.84 -18.83
CA VAL A 158 -4.81 11.97 -18.44
C VAL A 158 -5.22 11.18 -17.20
N SER A 159 -5.16 9.85 -17.29
CA SER A 159 -5.40 9.00 -16.11
C SER A 159 -4.21 9.11 -15.16
N MET A 160 -4.40 9.82 -14.05
CA MET A 160 -3.36 9.92 -13.05
C MET A 160 -3.19 8.58 -12.32
N GLN A 161 -4.28 7.80 -12.21
CA GLN A 161 -4.15 6.49 -11.59
C GLN A 161 -3.16 5.65 -12.39
N ASP A 162 -3.34 5.61 -13.71
CA ASP A 162 -2.48 4.85 -14.60
C ASP A 162 -1.05 5.37 -14.51
N MET A 163 -0.89 6.70 -14.65
CA MET A 163 0.44 7.29 -14.74
C MET A 163 1.21 7.06 -13.44
N LEU A 164 0.50 7.15 -12.31
CA LEU A 164 1.15 6.97 -11.02
C LEU A 164 1.49 5.49 -10.78
N THR A 165 0.64 4.58 -11.29
CA THR A 165 0.93 3.16 -11.20
C THR A 165 2.19 2.80 -11.99
N TYR A 166 2.32 3.37 -13.20
CA TYR A 166 3.47 3.11 -14.05
C TYR A 166 4.75 3.60 -13.36
N THR A 167 4.65 4.78 -12.73
CA THR A 167 5.79 5.38 -12.03
C THR A 167 6.19 4.48 -10.86
N ALA A 168 5.21 4.05 -10.07
CA ALA A 168 5.48 3.24 -8.89
C ALA A 168 6.13 1.92 -9.30
N MET A 169 5.63 1.32 -10.39
CA MET A 169 6.16 0.06 -10.87
C MET A 169 7.61 0.23 -11.33
N ASP A 170 7.87 1.29 -12.12
CA ASP A 170 9.20 1.56 -12.64
C ASP A 170 10.21 1.78 -11.51
N ILE A 171 9.80 2.53 -10.49
CA ILE A 171 10.61 2.77 -9.30
C ILE A 171 10.92 1.43 -8.61
N LEU A 172 9.88 0.61 -8.38
CA LEU A 172 10.06 -0.62 -7.61
C LEU A 172 10.99 -1.57 -8.37
N ALA A 173 10.70 -1.78 -9.65
CA ALA A 173 11.47 -2.71 -10.47
C ALA A 173 12.96 -2.38 -10.43
N LYS A 174 13.28 -1.08 -10.48
CA LYS A 174 14.68 -0.66 -10.50
C LYS A 174 15.28 -0.75 -9.09
N ALA A 175 14.56 -0.19 -8.11
CA ALA A 175 15.06 -0.09 -6.75
C ALA A 175 15.25 -1.47 -6.13
N ALA A 176 14.29 -2.38 -6.35
CA ALA A 176 14.24 -3.65 -5.64
C ALA A 176 14.99 -4.74 -6.41
N PHE A 177 14.99 -4.66 -7.75
CA PHE A 177 15.42 -5.78 -8.56
C PHE A 177 16.45 -5.36 -9.61
N GLY A 178 16.71 -4.05 -9.73
CA GLY A 178 17.67 -3.53 -10.69
C GLY A 178 17.26 -3.71 -12.15
N MET A 179 15.94 -3.76 -12.40
CA MET A 179 15.42 -3.98 -13.75
C MET A 179 14.68 -2.72 -14.22
N GLU A 180 14.59 -2.55 -15.54
CA GLU A 180 13.92 -1.41 -16.14
C GLU A 180 12.63 -1.87 -16.83
N THR A 181 11.48 -1.65 -16.18
CA THR A 181 10.20 -2.07 -16.73
C THR A 181 9.75 -1.11 -17.84
N SER A 182 10.14 0.17 -17.72
CA SER A 182 9.83 1.21 -18.69
C SER A 182 8.34 1.33 -18.96
N MET A 183 7.53 1.16 -17.91
CA MET A 183 6.08 1.26 -18.07
C MET A 183 5.69 2.70 -18.44
N LEU A 184 6.48 3.68 -18.00
CA LEU A 184 6.25 5.09 -18.33
C LEU A 184 6.45 5.35 -19.81
N LEU A 185 7.14 4.43 -20.50
CA LEU A 185 7.39 4.54 -21.93
C LEU A 185 6.37 3.71 -22.72
N GLY A 186 5.44 3.08 -22.01
CA GLY A 186 4.38 2.30 -22.63
C GLY A 186 4.73 0.82 -22.78
N ALA A 187 5.84 0.39 -22.18
CA ALA A 187 6.27 -1.00 -22.22
C ALA A 187 5.54 -1.82 -21.15
N GLN A 188 5.59 -3.15 -21.32
CA GLN A 188 5.16 -4.12 -20.33
C GLN A 188 3.65 -4.07 -20.11
N LYS A 189 2.88 -3.92 -21.19
CA LYS A 189 1.43 -3.88 -21.09
C LYS A 189 0.90 -5.22 -20.56
N PRO A 190 1.37 -6.39 -21.06
CA PRO A 190 0.91 -7.68 -20.55
C PRO A 190 1.14 -7.84 -19.06
N LEU A 191 2.26 -7.29 -18.56
CA LEU A 191 2.61 -7.33 -17.15
C LEU A 191 1.58 -6.57 -16.33
N SER A 192 1.15 -5.41 -16.81
CA SER A 192 0.16 -4.60 -16.09
C SER A 192 -1.19 -5.31 -16.10
N GLN A 193 -1.48 -6.02 -17.20
CA GLN A 193 -2.71 -6.79 -17.32
C GLN A 193 -2.71 -7.93 -16.31
N ALA A 194 -1.55 -8.58 -16.16
CA ALA A 194 -1.39 -9.72 -15.27
C ALA A 194 -1.64 -9.30 -13.84
N VAL A 195 -1.09 -8.15 -13.44
CA VAL A 195 -1.25 -7.67 -12.08
C VAL A 195 -2.75 -7.43 -11.80
N LYS A 196 -3.43 -6.77 -12.75
CA LYS A 196 -4.83 -6.40 -12.58
C LYS A 196 -5.68 -7.66 -12.40
N LEU A 197 -5.47 -8.66 -13.27
CA LEU A 197 -6.30 -9.87 -13.26
C LEU A 197 -6.03 -10.68 -11.99
N MET A 198 -4.78 -10.64 -11.53
CA MET A 198 -4.40 -11.38 -10.34
C MET A 198 -5.08 -10.77 -9.11
N LEU A 199 -5.11 -9.44 -9.04
CA LEU A 199 -5.69 -8.76 -7.89
C LEU A 199 -7.21 -8.99 -7.85
N GLU A 200 -7.84 -8.98 -9.04
CA GLU A 200 -9.25 -9.33 -9.18
C GLU A 200 -9.46 -10.77 -8.70
N GLY A 201 -8.48 -11.63 -8.99
CA GLY A 201 -8.52 -13.03 -8.62
C GLY A 201 -8.59 -13.24 -7.10
N ILE A 202 -7.78 -12.47 -6.37
CA ILE A 202 -7.71 -12.59 -4.91
C ILE A 202 -9.11 -12.41 -4.32
N THR A 203 -9.85 -11.41 -4.82
CA THR A 203 -11.14 -11.05 -4.27
C THR A 203 -12.22 -12.02 -4.74
N ALA A 204 -12.09 -12.50 -5.99
CA ALA A 204 -13.02 -13.47 -6.55
C ALA A 204 -13.16 -14.67 -5.62
N SER A 205 -12.01 -15.24 -5.22
CA SER A 205 -11.98 -16.36 -4.29
C SER A 205 -12.07 -15.83 -2.85
N LYS A 216 -16.77 -17.12 -16.15
CA LYS A 216 -16.35 -18.06 -15.08
C LYS A 216 -15.11 -18.85 -15.54
N ARG A 217 -15.31 -19.66 -16.58
CA ARG A 217 -14.28 -20.53 -17.13
C ARG A 217 -13.11 -19.69 -17.65
N LYS A 218 -13.43 -18.59 -18.33
CA LYS A 218 -12.44 -17.71 -18.94
C LYS A 218 -11.72 -16.90 -17.87
N GLN A 219 -12.46 -16.50 -16.81
CA GLN A 219 -11.89 -15.72 -15.74
C GLN A 219 -10.85 -16.55 -15.00
N LEU A 220 -11.18 -17.83 -14.72
CA LEU A 220 -10.27 -18.76 -14.09
C LEU A 220 -8.99 -18.90 -14.91
N ARG A 221 -9.15 -19.06 -16.23
CA ARG A 221 -8.04 -19.21 -17.15
C ARG A 221 -7.13 -17.98 -17.08
N GLU A 222 -7.74 -16.79 -17.13
CA GLU A 222 -7.01 -15.53 -17.17
C GLU A 222 -6.25 -15.31 -15.85
N VAL A 223 -6.87 -15.67 -14.73
CA VAL A 223 -6.29 -15.40 -13.43
C VAL A 223 -5.09 -16.32 -13.23
N ARG A 224 -5.29 -17.62 -13.50
CA ARG A 224 -4.27 -18.64 -13.33
C ARG A 224 -3.04 -18.32 -14.19
N GLU A 225 -3.27 -17.94 -15.46
CA GLU A 225 -2.18 -17.64 -16.37
C GLU A 225 -1.42 -16.40 -15.90
N SER A 226 -2.14 -15.44 -15.30
CA SER A 226 -1.54 -14.20 -14.81
C SER A 226 -0.57 -14.48 -13.67
N ILE A 227 -1.00 -15.33 -12.74
CA ILE A 227 -0.19 -15.71 -11.60
C ILE A 227 1.07 -16.42 -12.08
N ARG A 228 0.92 -17.40 -12.99
CA ARG A 228 2.06 -18.13 -13.50
C ARG A 228 3.03 -17.20 -14.23
N PHE A 229 2.49 -16.21 -14.94
CA PHE A 229 3.28 -15.24 -15.66
C PHE A 229 4.17 -14.46 -14.70
N LEU A 230 3.59 -13.97 -13.60
CA LEU A 230 4.32 -13.15 -12.64
C LEU A 230 5.44 -13.96 -12.01
N ARG A 231 5.18 -15.24 -11.71
CA ARG A 231 6.18 -16.10 -11.11
C ARG A 231 7.30 -16.40 -12.11
N GLN A 232 6.94 -16.45 -13.40
CA GLN A 232 7.90 -16.70 -14.46
C GLN A 232 8.81 -15.48 -14.64
N VAL A 233 8.23 -14.28 -14.55
CA VAL A 233 9.01 -13.04 -14.50
C VAL A 233 10.07 -13.16 -13.40
N GLY A 234 9.63 -13.60 -12.22
CA GLY A 234 10.52 -13.88 -11.10
C GLY A 234 11.67 -14.81 -11.46
N ARG A 235 11.34 -15.96 -12.08
CA ARG A 235 12.36 -16.92 -12.48
C ARG A 235 13.35 -16.25 -13.44
N ASP A 236 12.81 -15.44 -14.37
CA ASP A 236 13.61 -14.77 -15.38
C ASP A 236 14.60 -13.80 -14.74
N TRP A 237 14.10 -12.96 -13.83
CA TRP A 237 14.90 -11.91 -13.23
C TRP A 237 15.91 -12.49 -12.24
N VAL A 238 15.53 -13.60 -11.58
CA VAL A 238 16.41 -14.31 -10.67
C VAL A 238 17.57 -14.94 -11.45
N GLN A 239 17.27 -15.50 -12.63
CA GLN A 239 18.29 -16.11 -13.47
C GLN A 239 19.26 -15.04 -13.96
N ARG A 240 18.74 -13.85 -14.29
CA ARG A 240 19.54 -12.74 -14.77
C ARG A 240 20.50 -12.25 -13.70
N ARG A 241 20.01 -12.21 -12.45
CA ARG A 241 20.81 -11.79 -11.30
C ARG A 241 21.95 -12.78 -11.06
N ARG A 242 21.62 -14.08 -11.13
CA ARG A 242 22.59 -15.14 -10.88
C ARG A 242 23.68 -15.15 -11.97
N GLU A 243 23.28 -14.83 -13.20
CA GLU A 243 24.19 -14.77 -14.33
C GLU A 243 25.19 -13.63 -14.15
N ALA A 244 24.68 -12.46 -13.72
CA ALA A 244 25.48 -11.28 -13.51
C ALA A 244 26.53 -11.54 -12.41
N LEU A 245 26.11 -12.23 -11.35
CA LEU A 245 26.97 -12.54 -10.22
C LEU A 245 28.09 -13.47 -10.66
N LYS A 246 27.78 -14.41 -11.57
CA LYS A 246 28.75 -15.39 -12.05
C LYS A 246 29.76 -14.74 -12.99
N ARG A 247 29.26 -13.88 -13.89
CA ARG A 247 30.13 -13.20 -14.85
C ARG A 247 30.91 -12.09 -14.16
N GLY A 248 30.61 -11.87 -12.87
CA GLY A 248 31.34 -10.92 -12.05
C GLY A 248 31.04 -9.47 -12.44
N GLU A 249 29.80 -9.23 -12.88
CA GLU A 249 29.35 -7.88 -13.17
C GLU A 249 29.03 -7.18 -11.85
N GLU A 250 28.87 -5.86 -11.90
CA GLU A 250 28.56 -5.12 -10.69
C GLU A 250 27.06 -5.22 -10.42
N VAL A 251 26.72 -5.67 -9.20
CA VAL A 251 25.34 -5.80 -8.77
C VAL A 251 25.18 -5.06 -7.45
N PRO A 252 24.52 -3.87 -7.46
CA PRO A 252 24.23 -3.14 -6.22
C PRO A 252 23.27 -3.91 -5.33
N ALA A 253 23.66 -4.09 -4.06
CA ALA A 253 22.86 -4.78 -3.06
C ALA A 253 21.47 -4.12 -2.98
N ASP A 254 20.44 -4.94 -3.17
CA ASP A 254 19.06 -4.45 -3.19
C ASP A 254 18.17 -5.42 -2.41
N ILE A 255 16.85 -5.27 -2.58
CA ILE A 255 15.88 -6.15 -1.95
C ILE A 255 16.08 -7.58 -2.44
N LEU A 256 16.34 -7.73 -3.75
CA LEU A 256 16.52 -9.05 -4.34
C LEU A 256 17.72 -9.76 -3.70
N THR A 257 18.79 -9.00 -3.41
CA THR A 257 19.96 -9.55 -2.76
C THR A 257 19.55 -10.27 -1.47
N GLN A 258 18.72 -9.61 -0.66
CA GLN A 258 18.34 -10.13 0.65
C GLN A 258 17.32 -11.25 0.53
N ILE A 259 16.45 -11.18 -0.48
CA ILE A 259 15.47 -12.22 -0.76
C ILE A 259 16.21 -13.52 -1.10
N LEU A 260 17.27 -13.39 -1.91
CA LEU A 260 18.12 -14.51 -2.26
C LEU A 260 18.82 -15.05 -0.99
N LYS A 261 19.30 -14.13 -0.16
CA LYS A 261 20.05 -14.44 1.05
C LYS A 261 19.18 -15.25 2.01
N ALA A 262 17.88 -14.93 2.04
CA ALA A 262 16.94 -15.55 2.97
C ALA A 262 16.71 -17.01 2.60
N GLU A 263 17.00 -17.37 1.35
CA GLU A 263 16.72 -18.70 0.82
C GLU A 263 18.01 -19.51 0.64
N GLU A 264 19.09 -19.11 1.33
CA GLU A 264 20.45 -19.57 1.04
C GLU A 264 20.55 -21.08 0.88
N GLY A 265 19.74 -21.86 1.59
CA GLY A 265 19.92 -23.30 1.55
C GLY A 265 18.62 -24.08 1.34
N ALA A 266 17.62 -23.41 0.75
CA ALA A 266 16.29 -23.98 0.56
C ALA A 266 16.35 -25.15 -0.44
N GLN A 267 15.34 -26.02 -0.37
CA GLN A 267 15.23 -27.19 -1.22
C GLN A 267 15.05 -26.76 -2.68
N ASP A 268 14.20 -25.76 -2.90
CA ASP A 268 13.88 -25.25 -4.22
C ASP A 268 13.80 -23.72 -4.19
N ASP A 269 13.34 -23.13 -5.30
CA ASP A 269 13.28 -21.68 -5.42
C ASP A 269 11.89 -21.15 -5.11
N GLU A 270 10.98 -21.99 -4.60
CA GLU A 270 9.59 -21.60 -4.47
C GLU A 270 9.41 -20.49 -3.43
N GLY A 271 10.21 -20.55 -2.35
CA GLY A 271 10.21 -19.51 -1.33
C GLY A 271 10.74 -18.19 -1.88
N LEU A 272 11.80 -18.28 -2.69
CA LEU A 272 12.38 -17.14 -3.38
C LEU A 272 11.31 -16.47 -4.24
N LEU A 273 10.56 -17.27 -5.00
CA LEU A 273 9.56 -16.73 -5.92
C LEU A 273 8.39 -16.13 -5.14
N ASP A 274 8.03 -16.74 -4.00
CA ASP A 274 7.02 -16.18 -3.11
C ASP A 274 7.36 -14.74 -2.78
N ASN A 275 8.61 -14.50 -2.37
CA ASN A 275 9.04 -13.17 -1.97
C ASN A 275 9.21 -12.25 -3.17
N PHE A 276 9.65 -12.80 -4.30
CA PHE A 276 9.72 -11.98 -5.51
C PHE A 276 8.35 -11.35 -5.77
N VAL A 277 7.30 -12.18 -5.78
CA VAL A 277 5.98 -11.75 -6.16
C VAL A 277 5.45 -10.79 -5.09
N THR A 278 5.66 -11.14 -3.82
CA THR A 278 5.27 -10.32 -2.69
C THR A 278 5.78 -8.90 -2.88
N PHE A 279 7.09 -8.76 -3.09
CA PHE A 279 7.72 -7.45 -3.17
C PHE A 279 7.36 -6.76 -4.48
N PHE A 280 7.20 -7.54 -5.56
CA PHE A 280 6.84 -6.98 -6.84
C PHE A 280 5.49 -6.26 -6.74
N ILE A 281 4.53 -6.88 -6.04
CA ILE A 281 3.18 -6.34 -5.94
C ILE A 281 3.11 -5.33 -4.79
N ALA A 282 3.50 -5.75 -3.58
CA ALA A 282 3.36 -4.89 -2.41
C ALA A 282 4.18 -3.62 -2.58
N GLY A 283 5.29 -3.75 -3.31
CA GLY A 283 6.26 -2.68 -3.47
C GLY A 283 5.80 -1.55 -4.40
N HIS A 284 4.69 -1.74 -5.14
CA HIS A 284 4.21 -0.64 -5.97
C HIS A 284 2.70 -0.38 -5.81
N GLU A 285 1.91 -1.41 -5.50
CA GLU A 285 0.45 -1.31 -5.60
C GLU A 285 -0.10 -0.26 -4.62
N THR A 286 0.28 -0.37 -3.35
CA THR A 286 -0.25 0.52 -2.32
C THR A 286 0.32 1.92 -2.51
N SER A 287 1.60 2.02 -2.87
CA SER A 287 2.22 3.31 -3.13
C SER A 287 1.45 4.03 -4.26
N ALA A 288 1.14 3.29 -5.33
CA ALA A 288 0.43 3.84 -6.48
C ALA A 288 -0.95 4.34 -6.05
N ASN A 289 -1.66 3.53 -5.26
CA ASN A 289 -3.03 3.81 -4.80
C ASN A 289 -2.99 5.07 -3.92
N HIS A 290 -1.98 5.15 -3.04
CA HIS A 290 -1.82 6.27 -2.12
C HIS A 290 -1.61 7.57 -2.90
N LEU A 291 -0.75 7.50 -3.93
CA LEU A 291 -0.54 8.67 -4.79
C LEU A 291 -1.84 9.07 -5.48
N ALA A 292 -2.55 8.10 -6.08
CA ALA A 292 -3.76 8.40 -6.83
C ALA A 292 -4.84 9.03 -5.93
N PHE A 293 -5.02 8.47 -4.73
CA PHE A 293 -6.00 9.02 -3.80
C PHE A 293 -5.66 10.46 -3.44
N THR A 294 -4.36 10.72 -3.23
CA THR A 294 -3.89 12.04 -2.83
C THR A 294 -4.18 13.05 -3.94
N VAL A 295 -3.82 12.70 -5.18
CA VAL A 295 -4.08 13.57 -6.33
C VAL A 295 -5.59 13.83 -6.47
N MET A 296 -6.37 12.75 -6.38
CA MET A 296 -7.82 12.82 -6.47
C MET A 296 -8.37 13.79 -5.42
N GLU A 297 -8.00 13.61 -4.15
CA GLU A 297 -8.53 14.47 -3.09
C GLU A 297 -8.08 15.92 -3.29
N LEU A 298 -6.80 16.12 -3.62
CA LEU A 298 -6.26 17.47 -3.75
C LEU A 298 -6.93 18.26 -4.86
N SER A 299 -7.54 17.57 -5.85
CA SER A 299 -8.21 18.23 -6.96
C SER A 299 -9.38 19.08 -6.46
N ARG A 300 -9.91 18.78 -5.27
CA ARG A 300 -11.00 19.59 -4.72
C ARG A 300 -10.53 20.40 -3.51
N GLN A 301 -9.22 20.59 -3.38
CA GLN A 301 -8.69 21.31 -2.22
C GLN A 301 -7.74 22.41 -2.69
N PRO A 302 -8.21 23.44 -3.43
CA PRO A 302 -7.31 24.42 -4.03
C PRO A 302 -6.43 25.18 -3.03
N GLU A 303 -6.98 25.47 -1.84
CA GLU A 303 -6.25 26.21 -0.82
C GLU A 303 -5.09 25.37 -0.30
N ILE A 304 -5.35 24.09 -0.02
CA ILE A 304 -4.30 23.19 0.43
C ILE A 304 -3.24 23.05 -0.68
N VAL A 305 -3.68 22.93 -1.94
CA VAL A 305 -2.76 22.83 -3.05
C VAL A 305 -1.87 24.08 -3.13
N ALA A 306 -2.48 25.26 -2.97
CA ALA A 306 -1.74 26.51 -3.02
C ALA A 306 -0.64 26.51 -1.96
N ARG A 307 -0.97 26.00 -0.77
CA ARG A 307 -0.04 25.93 0.35
C ARG A 307 1.10 24.95 0.04
N LEU A 308 0.75 23.82 -0.59
CA LEU A 308 1.72 22.81 -0.94
C LEU A 308 2.67 23.33 -2.01
N GLN A 309 2.11 24.05 -3.00
CA GLN A 309 2.91 24.64 -4.07
C GLN A 309 3.91 25.63 -3.46
N ALA A 310 3.44 26.44 -2.50
CA ALA A 310 4.28 27.43 -1.87
C ALA A 310 5.41 26.75 -1.09
N GLU A 311 5.10 25.65 -0.39
CA GLU A 311 6.10 24.95 0.41
C GLU A 311 7.19 24.39 -0.49
N VAL A 312 6.80 23.73 -1.60
CA VAL A 312 7.76 23.16 -2.52
C VAL A 312 8.61 24.27 -3.14
N ASP A 313 7.99 25.40 -3.50
CA ASP A 313 8.72 26.52 -4.06
C ASP A 313 9.81 27.00 -3.09
N GLU A 314 9.49 27.00 -1.79
CA GLU A 314 10.38 27.59 -0.80
C GLU A 314 11.51 26.63 -0.44
N VAL A 315 11.23 25.32 -0.47
CA VAL A 315 12.20 24.35 0.02
C VAL A 315 13.18 23.96 -1.10
N ILE A 316 12.66 23.66 -2.29
CA ILE A 316 13.52 23.11 -3.34
C ILE A 316 13.73 24.11 -4.47
N GLY A 317 12.89 25.15 -4.54
CA GLY A 317 13.00 26.17 -5.58
C GLY A 317 12.73 25.61 -6.97
N SER A 318 13.74 25.72 -7.84
CA SER A 318 13.63 25.25 -9.21
C SER A 318 14.49 24.00 -9.44
N LYS A 319 15.15 23.52 -8.36
CA LYS A 319 16.00 22.34 -8.43
C LYS A 319 15.23 21.18 -9.05
N ARG A 320 15.95 20.40 -9.87
CA ARG A 320 15.37 19.24 -10.54
C ARG A 320 15.36 18.07 -9.56
N TYR A 321 16.25 18.13 -8.55
CA TYR A 321 16.54 16.99 -7.69
C TYR A 321 16.29 17.34 -6.23
N LEU A 322 15.50 16.48 -5.56
CA LEU A 322 15.30 16.55 -4.13
C LEU A 322 16.37 15.73 -3.42
N ASP A 323 17.09 16.37 -2.50
CA ASP A 323 18.03 15.67 -1.63
C ASP A 323 17.25 15.07 -0.48
N PHE A 324 17.89 14.11 0.21
CA PHE A 324 17.26 13.45 1.35
C PHE A 324 16.87 14.48 2.42
N GLU A 325 17.73 15.49 2.62
CA GLU A 325 17.50 16.48 3.67
C GLU A 325 16.28 17.35 3.34
N ASP A 326 15.99 17.51 2.04
CA ASP A 326 14.84 18.29 1.59
C ASP A 326 13.53 17.63 2.02
N LEU A 327 13.53 16.29 2.09
CA LEU A 327 12.32 15.54 2.39
C LEU A 327 11.78 15.93 3.76
N GLY A 328 12.69 16.11 4.73
CA GLY A 328 12.31 16.45 6.09
C GLY A 328 11.70 17.84 6.21
N ARG A 329 12.04 18.72 5.25
CA ARG A 329 11.60 20.11 5.29
C ARG A 329 10.23 20.28 4.63
N LEU A 330 9.73 19.24 3.98
CA LEU A 330 8.42 19.29 3.35
C LEU A 330 7.37 18.85 4.38
N GLN A 331 7.27 19.64 5.46
CA GLN A 331 6.49 19.28 6.64
C GLN A 331 5.00 19.30 6.31
N TYR A 332 4.54 20.32 5.57
CA TYR A 332 3.13 20.41 5.26
C TYR A 332 2.73 19.26 4.32
N LEU A 333 3.60 18.90 3.38
CA LEU A 333 3.34 17.78 2.49
C LEU A 333 3.22 16.48 3.29
N SER A 334 4.09 16.30 4.30
CA SER A 334 4.05 15.12 5.14
CA SER A 334 4.05 15.12 5.14
CA SER A 334 4.05 15.13 5.16
C SER A 334 2.68 15.02 5.82
N GLN A 335 2.14 16.16 6.26
CA GLN A 335 0.85 16.18 6.96
C GLN A 335 -0.29 15.82 6.02
N VAL A 336 -0.23 16.34 4.79
CA VAL A 336 -1.25 16.10 3.78
C VAL A 336 -1.27 14.61 3.44
N LEU A 337 -0.09 14.00 3.32
CA LEU A 337 0.02 12.58 2.99
C LEU A 337 -0.50 11.72 4.14
N LYS A 338 -0.26 12.16 5.38
CA LYS A 338 -0.79 11.44 6.54
C LYS A 338 -2.32 11.50 6.55
N GLU A 339 -2.88 12.67 6.23
CA GLU A 339 -4.33 12.88 6.27
C GLU A 339 -4.97 12.10 5.12
N SER A 340 -4.25 12.01 4.00
CA SER A 340 -4.68 11.17 2.88
C SER A 340 -4.81 9.70 3.29
N LEU A 341 -3.86 9.21 4.09
CA LEU A 341 -3.86 7.83 4.56
C LEU A 341 -4.94 7.61 5.63
N ARG A 342 -5.36 8.67 6.33
CA ARG A 342 -6.42 8.52 7.30
C ARG A 342 -7.74 8.17 6.59
N LEU A 343 -8.07 8.94 5.54
CA LEU A 343 -9.34 8.80 4.85
C LEU A 343 -9.28 7.73 3.76
N TYR A 344 -8.09 7.51 3.19
CA TYR A 344 -7.93 6.65 2.02
C TYR A 344 -6.74 5.72 2.22
N PRO A 345 -6.77 4.82 3.21
CA PRO A 345 -5.69 3.85 3.40
C PRO A 345 -5.82 2.77 2.33
N PRO A 346 -4.80 2.57 1.45
CA PRO A 346 -4.90 1.53 0.43
C PRO A 346 -4.92 0.15 1.09
N ALA A 347 -4.14 0.00 2.16
CA ALA A 347 -4.11 -1.22 2.94
C ALA A 347 -4.96 -0.99 4.17
N TRP A 348 -6.16 -1.56 4.17
CA TRP A 348 -7.20 -1.13 5.10
C TRP A 348 -6.97 -1.68 6.50
N GLY A 349 -6.16 -2.74 6.65
CA GLY A 349 -5.94 -3.33 7.96
C GLY A 349 -5.30 -4.72 7.91
N THR A 350 -5.67 -5.58 8.87
CA THR A 350 -4.94 -6.83 9.10
C THR A 350 -5.80 -7.76 9.97
N PHE A 351 -5.35 -9.02 10.09
CA PHE A 351 -6.02 -10.03 10.90
C PHE A 351 -5.02 -10.63 11.87
N ARG A 352 -5.49 -10.89 13.10
CA ARG A 352 -4.72 -11.67 14.06
C ARG A 352 -5.58 -12.82 14.55
N LEU A 353 -4.92 -13.92 14.93
CA LEU A 353 -5.62 -15.07 15.47
C LEU A 353 -5.74 -14.93 16.99
N LEU A 354 -6.99 -14.93 17.48
CA LEU A 354 -7.25 -15.10 18.90
C LEU A 354 -7.28 -16.59 19.21
N GLU A 355 -6.30 -17.07 19.99
CA GLU A 355 -6.16 -18.49 20.25
C GLU A 355 -7.12 -18.95 21.34
N GLU A 356 -7.24 -18.16 22.42
CA GLU A 356 -8.02 -18.56 23.59
C GLU A 356 -9.19 -17.60 23.77
N GLU A 357 -10.29 -18.12 24.33
CA GLU A 357 -11.45 -17.30 24.63
C GLU A 357 -11.00 -16.10 25.47
N THR A 358 -11.44 -14.89 25.07
CA THR A 358 -10.98 -13.65 25.66
C THR A 358 -12.14 -12.66 25.73
N LEU A 359 -12.19 -11.88 26.82
CA LEU A 359 -13.13 -10.77 26.91
C LEU A 359 -12.52 -9.56 26.20
N ILE A 360 -13.22 -9.06 25.18
CA ILE A 360 -12.78 -7.90 24.41
C ILE A 360 -13.86 -6.83 24.53
N ASP A 361 -13.54 -5.72 25.21
CA ASP A 361 -14.47 -4.63 25.46
C ASP A 361 -15.84 -5.14 25.89
N GLY A 362 -15.85 -6.04 26.90
CA GLY A 362 -17.10 -6.49 27.51
C GLY A 362 -17.81 -7.57 26.69
N VAL A 363 -17.15 -8.07 25.64
CA VAL A 363 -17.73 -9.09 24.79
C VAL A 363 -16.87 -10.35 24.88
N ARG A 364 -17.52 -11.49 25.13
CA ARG A 364 -16.88 -12.79 25.16
C ARG A 364 -16.63 -13.25 23.72
N VAL A 365 -15.35 -13.37 23.34
CA VAL A 365 -14.99 -13.81 22.01
C VAL A 365 -14.34 -15.19 22.09
N PRO A 366 -14.94 -16.22 21.45
CA PRO A 366 -14.42 -17.59 21.53
C PRO A 366 -13.00 -17.74 21.02
N GLY A 367 -12.32 -18.79 21.51
CA GLY A 367 -10.99 -19.13 21.01
C GLY A 367 -11.03 -19.52 19.53
N ASN A 368 -9.89 -19.32 18.85
CA ASN A 368 -9.71 -19.69 17.46
C ASN A 368 -10.65 -18.86 16.59
N THR A 369 -10.47 -17.54 16.68
CA THR A 369 -11.29 -16.58 15.98
C THR A 369 -10.38 -15.57 15.30
N PRO A 370 -10.61 -15.23 14.01
CA PRO A 370 -9.89 -14.14 13.37
C PRO A 370 -10.42 -12.80 13.87
N LEU A 371 -9.50 -11.97 14.38
CA LEU A 371 -9.82 -10.59 14.71
C LEU A 371 -9.42 -9.71 13.53
N LEU A 372 -10.35 -8.83 13.10
CA LEU A 372 -10.12 -7.92 11.98
C LEU A 372 -9.91 -6.51 12.52
N PHE A 373 -8.81 -5.88 12.12
CA PHE A 373 -8.48 -4.51 12.46
C PHE A 373 -8.56 -3.66 11.19
N SER A 374 -9.17 -2.48 11.29
CA SER A 374 -9.33 -1.64 10.11
C SER A 374 -9.05 -0.18 10.44
N THR A 375 -7.98 0.36 9.83
CA THR A 375 -7.64 1.76 9.95
C THR A 375 -8.62 2.59 9.12
N TYR A 376 -9.22 1.96 8.09
CA TYR A 376 -10.26 2.62 7.30
C TYR A 376 -11.46 2.93 8.21
N VAL A 377 -11.94 1.92 8.91
CA VAL A 377 -13.13 2.07 9.75
C VAL A 377 -12.86 3.12 10.83
N MET A 378 -11.73 2.98 11.53
CA MET A 378 -11.48 3.82 12.68
C MET A 378 -11.23 5.27 12.25
N GLY A 379 -10.64 5.43 11.07
CA GLY A 379 -10.39 6.75 10.50
C GLY A 379 -11.67 7.54 10.24
N ARG A 380 -12.79 6.84 10.06
CA ARG A 380 -14.04 7.48 9.66
C ARG A 380 -15.08 7.50 10.78
N MET A 381 -14.64 7.15 12.00
CA MET A 381 -15.53 7.15 13.15
C MET A 381 -15.38 8.46 13.94
N ASP A 382 -16.52 9.13 14.19
CA ASP A 382 -16.50 10.42 14.87
C ASP A 382 -15.99 10.29 16.31
N THR A 383 -16.06 9.07 16.87
CA THR A 383 -15.59 8.86 18.24
CA THR A 383 -15.57 8.75 18.21
C THR A 383 -14.06 8.98 18.28
N TYR A 384 -13.39 8.83 17.13
CA TYR A 384 -11.94 8.87 17.11
C TYR A 384 -11.42 10.13 16.43
N PHE A 385 -12.17 10.64 15.45
CA PHE A 385 -11.77 11.83 14.71
C PHE A 385 -12.96 12.76 14.57
N GLU A 386 -12.82 13.98 15.12
CA GLU A 386 -13.84 15.00 14.97
C GLU A 386 -14.02 15.32 13.48
N ASP A 387 -15.28 15.45 13.05
CA ASP A 387 -15.64 15.73 11.65
C ASP A 387 -14.85 14.81 10.73
N PRO A 388 -15.04 13.47 10.83
CA PRO A 388 -14.14 12.51 10.21
C PRO A 388 -13.98 12.63 8.69
N LEU A 389 -15.04 13.11 8.02
CA LEU A 389 -15.05 13.18 6.57
C LEU A 389 -14.38 14.46 6.06
N THR A 390 -13.98 15.35 6.98
CA THR A 390 -13.27 16.57 6.57
C THR A 390 -11.79 16.26 6.40
N PHE A 391 -11.24 16.66 5.24
CA PHE A 391 -9.82 16.54 4.95
C PHE A 391 -9.11 17.74 5.59
N ASN A 392 -8.41 17.49 6.70
CA ASN A 392 -7.75 18.56 7.44
C ASN A 392 -6.34 18.13 7.80
N PRO A 393 -5.30 18.53 7.02
CA PRO A 393 -3.91 18.19 7.33
C PRO A 393 -3.44 18.68 8.69
N ASP A 394 -4.13 19.67 9.26
CA ASP A 394 -3.75 20.23 10.56
C ASP A 394 -3.89 19.20 11.70
N ARG A 395 -4.62 18.10 11.47
CA ARG A 395 -4.71 17.02 12.43
C ARG A 395 -3.32 16.47 12.74
N PHE A 396 -2.39 16.61 11.79
CA PHE A 396 -1.06 16.02 11.91
C PHE A 396 0.00 17.10 12.14
N GLY A 397 -0.44 18.31 12.52
CA GLY A 397 0.44 19.42 12.80
C GLY A 397 1.35 19.14 14.01
N PRO A 398 2.55 19.77 14.08
CA PRO A 398 3.51 19.51 15.15
C PRO A 398 2.93 19.52 16.56
N GLY A 399 2.08 20.51 16.86
CA GLY A 399 1.56 20.69 18.21
C GLY A 399 0.30 19.89 18.51
N ALA A 400 -0.27 19.23 17.49
CA ALA A 400 -1.54 18.52 17.62
C ALA A 400 -1.32 17.21 18.37
N PRO A 401 -2.29 16.77 19.20
CA PRO A 401 -2.20 15.46 19.87
C PRO A 401 -2.20 14.36 18.81
N LYS A 402 -1.25 13.42 18.93
CA LYS A 402 -1.09 12.36 17.95
C LYS A 402 -2.17 11.31 18.19
N PRO A 403 -2.78 10.74 17.12
CA PRO A 403 -3.74 9.64 17.28
C PRO A 403 -3.10 8.48 18.05
N ARG A 404 -3.80 8.01 19.08
CA ARG A 404 -3.29 6.94 19.92
C ARG A 404 -4.04 5.65 19.59
N PHE A 405 -3.47 4.86 18.66
CA PHE A 405 -3.98 3.55 18.28
C PHE A 405 -5.30 3.64 17.52
N THR A 406 -5.54 4.76 16.82
CA THR A 406 -6.74 4.95 16.03
C THR A 406 -6.38 5.15 14.55
N TYR A 407 -5.08 5.09 14.24
CA TYR A 407 -4.57 5.38 12.90
C TYR A 407 -3.36 4.49 12.64
N PHE A 408 -3.45 3.60 11.65
CA PHE A 408 -2.37 2.66 11.39
C PHE A 408 -2.34 2.27 9.92
N PRO A 409 -2.03 3.22 8.99
CA PRO A 409 -2.00 2.89 7.56
C PRO A 409 -0.87 1.96 7.13
N PHE A 410 0.15 1.81 7.97
CA PHE A 410 1.23 0.86 7.73
C PHE A 410 1.18 -0.28 8.74
N SER A 411 0.03 -0.45 9.40
CA SER A 411 -0.12 -1.36 10.53
C SER A 411 0.77 -0.94 11.71
N LEU A 412 0.83 -1.81 12.74
CA LEU A 412 1.59 -1.55 13.96
C LEU A 412 2.23 -2.85 14.43
N GLY A 413 3.29 -2.73 15.23
CA GLY A 413 3.92 -3.87 15.88
C GLY A 413 4.85 -4.61 14.92
N HIS A 414 5.15 -5.86 15.27
CA HIS A 414 6.15 -6.65 14.57
C HIS A 414 5.78 -6.86 13.10
N ARG A 415 4.47 -6.89 12.79
CA ARG A 415 4.04 -7.12 11.42
C ARG A 415 3.70 -5.81 10.70
N SER A 416 4.30 -4.69 11.13
CA SER A 416 4.11 -3.44 10.42
C SER A 416 4.85 -3.48 9.08
N CYS A 417 4.53 -2.51 8.21
CA CYS A 417 5.06 -2.49 6.85
C CYS A 417 6.58 -2.34 6.86
N ILE A 418 7.29 -3.32 6.28
CA ILE A 418 8.73 -3.23 6.14
C ILE A 418 9.09 -2.09 5.19
N GLY A 419 8.16 -1.75 4.29
CA GLY A 419 8.42 -0.77 3.23
C GLY A 419 7.96 0.65 3.59
N GLN A 420 7.63 0.90 4.86
CA GLN A 420 7.02 2.16 5.26
C GLN A 420 7.87 3.36 4.86
N GLN A 421 9.15 3.36 5.20
CA GLN A 421 9.99 4.52 4.95
C GLN A 421 10.31 4.64 3.45
N PHE A 422 10.50 3.50 2.79
CA PHE A 422 10.65 3.45 1.34
C PHE A 422 9.47 4.17 0.68
N ALA A 423 8.26 3.81 1.10
CA ALA A 423 7.03 4.34 0.52
C ALA A 423 6.92 5.83 0.81
N GLN A 424 7.19 6.22 2.06
CA GLN A 424 7.07 7.62 2.45
C GLN A 424 8.02 8.49 1.63
N MET A 425 9.24 7.99 1.41
CA MET A 425 10.22 8.74 0.65
C MET A 425 9.80 8.86 -0.81
N GLU A 426 9.41 7.75 -1.44
CA GLU A 426 9.14 7.78 -2.86
C GLU A 426 7.92 8.64 -3.14
N VAL A 427 6.91 8.59 -2.27
CA VAL A 427 5.68 9.31 -2.54
CA VAL A 427 5.67 9.30 -2.47
C VAL A 427 5.92 10.81 -2.34
N LYS A 428 6.77 11.18 -1.37
CA LYS A 428 7.11 12.59 -1.20
C LYS A 428 7.86 13.13 -2.42
N VAL A 429 8.81 12.34 -2.96
CA VAL A 429 9.55 12.75 -4.14
C VAL A 429 8.60 12.96 -5.31
N VAL A 430 7.70 11.99 -5.55
CA VAL A 430 6.79 12.10 -6.68
C VAL A 430 5.86 13.31 -6.50
N MET A 431 5.25 13.42 -5.31
CA MET A 431 4.29 14.50 -5.07
C MET A 431 4.97 15.86 -5.19
N ALA A 432 6.19 16.00 -4.65
CA ALA A 432 6.86 17.30 -4.65
C ALA A 432 7.15 17.75 -6.07
N LYS A 433 7.53 16.80 -6.93
CA LYS A 433 7.88 17.12 -8.30
C LYS A 433 6.63 17.50 -9.10
N LEU A 434 5.50 16.84 -8.81
CA LEU A 434 4.23 17.20 -9.44
C LEU A 434 3.83 18.62 -9.06
N LEU A 435 3.94 18.95 -7.77
CA LEU A 435 3.51 20.23 -7.24
C LEU A 435 4.41 21.36 -7.73
N GLN A 436 5.69 21.03 -7.95
CA GLN A 436 6.66 21.98 -8.42
C GLN A 436 6.27 22.48 -9.81
N ARG A 437 5.68 21.60 -10.64
CA ARG A 437 5.71 21.80 -12.08
C ARG A 437 4.32 21.91 -12.70
N LEU A 438 3.29 21.32 -12.05
CA LEU A 438 2.01 21.14 -12.73
C LEU A 438 0.82 21.54 -11.86
N GLU A 439 -0.25 21.98 -12.53
CA GLU A 439 -1.57 22.17 -11.95
C GLU A 439 -2.51 21.11 -12.52
N PHE A 440 -3.34 20.51 -11.65
CA PHE A 440 -4.25 19.44 -12.04
C PHE A 440 -5.68 19.83 -11.73
N ARG A 441 -6.58 19.53 -12.68
CA ARG A 441 -8.02 19.66 -12.49
C ARG A 441 -8.67 18.33 -12.86
N LEU A 442 -9.49 17.80 -11.94
CA LEU A 442 -10.20 16.55 -12.17
C LEU A 442 -11.24 16.79 -13.27
N VAL A 443 -11.32 15.87 -14.24
CA VAL A 443 -12.31 16.00 -15.30
C VAL A 443 -13.70 15.87 -14.68
N PRO A 444 -14.64 16.80 -14.93
CA PRO A 444 -15.99 16.70 -14.37
C PRO A 444 -16.63 15.35 -14.68
N GLY A 445 -17.26 14.75 -13.67
CA GLY A 445 -17.84 13.43 -13.81
C GLY A 445 -17.00 12.34 -13.15
N GLN A 446 -15.71 12.62 -12.94
CA GLN A 446 -14.85 11.70 -12.20
C GLN A 446 -15.33 11.63 -10.74
N ARG A 447 -15.33 10.41 -10.20
CA ARG A 447 -15.90 10.16 -8.88
C ARG A 447 -14.78 10.08 -7.84
N PHE A 448 -15.17 10.28 -6.57
CA PHE A 448 -14.25 10.23 -5.45
C PHE A 448 -14.44 8.91 -4.70
N GLY A 449 -15.24 8.02 -5.27
CA GLY A 449 -15.57 6.74 -4.67
C GLY A 449 -14.40 5.75 -4.73
N LEU A 450 -14.57 4.64 -4.01
CA LEU A 450 -13.52 3.65 -3.85
C LEU A 450 -13.92 2.35 -4.55
N GLN A 451 -12.92 1.54 -4.89
CA GLN A 451 -13.15 0.13 -5.18
C GLN A 451 -12.26 -0.70 -4.27
N GLU A 452 -12.72 -1.91 -3.94
CA GLU A 452 -11.98 -2.76 -3.02
C GLU A 452 -11.70 -4.10 -3.69
N GLN A 453 -10.41 -4.39 -3.87
CA GLN A 453 -9.96 -5.76 -4.02
C GLN A 453 -9.37 -6.21 -2.69
N ALA A 454 -8.12 -6.69 -2.72
CA ALA A 454 -7.38 -6.91 -1.48
C ALA A 454 -7.09 -5.55 -0.85
N THR A 455 -6.82 -4.55 -1.69
CA THR A 455 -6.51 -3.19 -1.26
C THR A 455 -7.54 -2.22 -1.83
N LEU A 456 -7.55 -0.99 -1.30
CA LEU A 456 -8.49 0.04 -1.71
C LEU A 456 -7.80 0.94 -2.73
N LYS A 457 -8.58 1.40 -3.71
CA LYS A 457 -8.04 2.30 -4.73
C LYS A 457 -9.19 3.11 -5.30
N PRO A 458 -8.92 4.23 -6.01
CA PRO A 458 -10.00 4.98 -6.66
C PRO A 458 -10.83 4.10 -7.58
N LEU A 459 -12.16 4.29 -7.52
CA LEU A 459 -13.08 3.67 -8.44
C LEU A 459 -12.79 4.10 -9.87
N ASP A 460 -12.54 5.39 -10.05
CA ASP A 460 -12.33 5.96 -11.37
C ASP A 460 -10.84 6.14 -11.64
N PRO A 461 -10.42 6.34 -12.92
CA PRO A 461 -9.01 6.47 -13.26
C PRO A 461 -8.32 7.78 -12.87
N VAL A 462 -8.99 8.65 -12.10
CA VAL A 462 -8.48 9.95 -11.71
C VAL A 462 -8.04 10.71 -12.97
N LEU A 463 -8.98 10.85 -13.92
CA LEU A 463 -8.77 11.60 -15.16
C LEU A 463 -8.66 13.09 -14.83
N CYS A 464 -7.53 13.69 -15.22
CA CYS A 464 -7.29 15.10 -14.98
C CYS A 464 -6.86 15.77 -16.29
N THR A 465 -7.12 17.08 -16.37
CA THR A 465 -6.41 17.95 -17.30
C THR A 465 -5.31 18.67 -16.52
N LEU A 466 -4.26 19.07 -17.24
CA LEU A 466 -3.04 19.57 -16.62
C LEU A 466 -2.67 20.89 -17.29
N ARG A 467 -2.07 21.80 -16.51
CA ARG A 467 -1.43 22.99 -17.04
C ARG A 467 -0.08 23.15 -16.35
N PRO A 468 0.94 23.76 -16.99
CA PRO A 468 2.21 24.00 -16.33
C PRO A 468 1.98 25.11 -15.30
N ARG A 469 2.70 25.05 -14.17
CA ARG A 469 2.63 26.13 -13.21
C ARG A 469 3.22 27.39 -13.80
N GLY A 470 2.52 28.51 -13.58
CA GLY A 470 2.87 29.81 -14.13
C GLY A 470 2.04 30.14 -15.36
N TRP A 471 0.71 30.04 -15.24
CA TRP A 471 -0.25 30.39 -16.28
C TRP A 471 -0.21 29.34 -17.40
CHA HEM B . 3.03 -4.86 5.31
CHB HEM B . 0.73 -0.73 4.15
CHC HEM B . 4.17 0.22 0.83
CHD HEM B . 6.05 -4.19 1.56
C1A HEM B . 2.12 -3.82 5.25
C2A HEM B . 0.91 -3.77 6.01
C3A HEM B . 0.26 -2.61 5.68
C4A HEM B . 1.06 -1.94 4.72
CMA HEM B . -1.06 -2.15 6.25
CAA HEM B . 0.41 -4.85 6.96
CBA HEM B . -0.20 -5.90 6.01
CGA HEM B . -0.92 -7.04 6.68
O1A HEM B . -1.48 -7.91 5.96
O2A HEM B . -0.97 -7.12 7.93
C1B HEM B . 1.48 -0.13 3.13
C2B HEM B . 1.16 1.13 2.54
C3B HEM B . 2.12 1.42 1.61
C4B HEM B . 3.06 0.28 1.64
CMB HEM B . -0.03 1.99 2.90
CAB HEM B . 2.28 2.58 0.69
CBB HEM B . 1.95 3.83 1.01
C1C HEM B . 5.04 -0.87 0.77
C2C HEM B . 6.25 -0.94 0.03
C3C HEM B . 6.79 -2.21 0.26
C4C HEM B . 5.88 -2.88 1.13
CMC HEM B . 6.81 0.18 -0.82
CAC HEM B . 8.03 -2.84 -0.26
CBC HEM B . 8.96 -2.17 -0.94
C1D HEM B . 5.35 -4.70 2.66
C2D HEM B . 5.67 -6.03 3.21
C3D HEM B . 4.85 -6.22 4.26
C4D HEM B . 4.02 -5.00 4.34
CMD HEM B . 6.72 -6.98 2.69
CAD HEM B . 4.85 -7.43 5.18
CBD HEM B . 5.79 -7.06 6.35
CGD HEM B . 5.89 -8.13 7.44
O1D HEM B . 7.00 -8.39 7.98
O2D HEM B . 4.85 -8.73 7.79
NA HEM B . 2.19 -2.68 4.47
NB HEM B . 2.60 -0.60 2.56
NC HEM B . 4.84 -2.04 1.43
ND HEM B . 4.34 -4.12 3.35
FE HEM B . 3.53 -2.40 3.02
C5 A1BY9 C . -1.78 -6.97 -0.84
C6 A1BY9 C . -2.39 -7.56 0.26
C7 A1BY9 C . -2.01 -7.16 1.55
C13 A1BY9 C . -5.33 -9.86 4.29
C15 A1BY9 C . -0.45 -5.67 0.68
C17 A1BY9 C . 0.61 -4.68 0.89
C20 A1BY9 C . 2.11 -3.13 0.51
F1 A1BY9 C . -0.97 -7.64 -2.95
C2 A1BY9 C . -2.12 -7.35 -2.25
F3 A1BY9 C . -2.94 -8.46 -2.31
F4 A1BY9 C . -2.74 -6.32 -2.90
N8 A1BY9 C . -2.60 -7.68 2.72
C9 A1BY9 C . -3.80 -8.31 2.78
O10 A1BY9 C . -4.49 -8.51 1.80
C11 A1BY9 C . -4.28 -8.76 4.15
C12 A1BY9 C . -5.73 -8.41 4.50
N14 A1BY9 C . -1.06 -6.25 1.70
C16 A1BY9 C . -0.79 -6.02 -0.63
C18 A1BY9 C . 1.25 -4.37 2.04
N19 A1BY9 C . 2.16 -3.40 1.78
O21 A1BY9 C . 1.17 -3.90 -0.06
C1 EDO D . -8.86 -4.74 25.20
O1 EDO D . -8.89 -5.72 24.17
C2 EDO D . -10.20 -4.29 25.59
O2 EDO D . -10.96 -5.29 26.24
C1 EDO E . -5.02 -5.02 2.69
O1 EDO E . -5.83 -3.94 2.30
C2 EDO E . -4.62 -5.06 4.12
O2 EDO E . -3.99 -3.95 4.68
#